data_5AL5
#
_entry.id   5AL5
#
_cell.length_a   91.510
_cell.length_b   97.960
_cell.length_c   118.820
_cell.angle_alpha   90.00
_cell.angle_beta   90.00
_cell.angle_gamma   90.00
#
_symmetry.space_group_name_H-M   'C 2 2 21'
#
loop_
_entity.id
_entity.type
_entity.pdbx_description
1 polymer TANKYRASE-2
2 non-polymer 'ZINC ION'
3 non-polymer 'SULFATE ION'
4 non-polymer 2-(4-((pyridin-4-yl)methyl)piperazin-1-yl)-3,4,5,6,7,8-hexahydroquinazolin-4-one
5 non-polymer GLYCEROL
6 water water
#
_entity_poly.entity_id   1
_entity_poly.type   'polypeptide(L)'
_entity_poly.pdbx_seq_one_letter_code
;MHHHHHHSSGVDLGTENLYFQSMLNTSGSGTILIDLSPDDKEFQSVEEEMQSTVREHRDGGHAGGIFNRYNILKIQKVCN
KKLWERYTHRRKEVSEENHNHANERMLFHGSPFVNAIIHKGFDERHAYIGGMFGAGIYFAENSSKSNQYVYGIGGGTGCP
VHKDRSCYICHRQLLFCRVTLGKSFLQFSAMKMAHSPPGHHSVTGRPSVNGLALAEYVIYRGEQAYPEYLITYQIMRPEG
;
_entity_poly.pdbx_strand_id   A,B
#
# COMPACT_ATOMS: atom_id res chain seq x y z
N GLY A 30 -13.93 17.45 -30.64
CA GLY A 30 -13.86 18.89 -30.37
C GLY A 30 -12.62 19.29 -29.57
N THR A 31 -11.67 18.39 -29.36
CA THR A 31 -10.46 18.77 -28.62
C THR A 31 -9.40 19.39 -29.52
N ILE A 32 -8.89 20.57 -29.11
CA ILE A 32 -7.68 21.06 -29.68
C ILE A 32 -6.61 21.24 -28.61
N LEU A 33 -5.36 21.00 -29.01
CA LEU A 33 -4.17 21.16 -28.17
C LEU A 33 -3.35 22.38 -28.61
N ILE A 34 -3.16 23.31 -27.70
CA ILE A 34 -2.33 24.48 -27.96
C ILE A 34 -0.97 24.32 -27.26
N ASP A 35 0.08 24.38 -28.04
CA ASP A 35 1.44 24.23 -27.55
CA ASP A 35 1.45 24.23 -27.51
C ASP A 35 1.83 25.49 -26.79
N LEU A 36 2.38 25.37 -25.59
CA LEU A 36 2.86 26.53 -24.85
C LEU A 36 4.32 26.70 -25.13
N SER A 37 4.77 27.95 -25.18
CA SER A 37 6.18 28.26 -25.31
C SER A 37 6.85 28.06 -23.97
N PRO A 38 8.07 27.52 -23.97
CA PRO A 38 8.84 27.49 -22.74
C PRO A 38 9.13 28.87 -22.11
N ASP A 39 8.93 29.94 -22.87
CA ASP A 39 9.02 31.32 -22.38
C ASP A 39 7.79 31.77 -21.62
N ASP A 40 6.69 31.06 -21.80
CA ASP A 40 5.42 31.43 -21.19
C ASP A 40 5.45 31.09 -19.72
N LYS A 41 4.97 32.02 -18.89
CA LYS A 41 4.90 31.83 -17.45
C LYS A 41 4.04 30.63 -17.08
N GLU A 42 3.07 30.34 -17.93
CA GLU A 42 2.19 29.23 -17.75
C GLU A 42 2.94 27.92 -17.92
N PHE A 43 3.77 27.82 -18.97
CA PHE A 43 4.65 26.65 -19.16
C PHE A 43 5.52 26.49 -17.93
N GLN A 44 6.10 27.60 -17.51
CA GLN A 44 7.03 27.54 -16.42
C GLN A 44 6.43 27.11 -15.12
N SER A 45 5.24 27.60 -14.76
CA SER A 45 4.67 27.23 -13.48
C SER A 45 4.20 25.75 -13.49
N VAL A 46 3.74 25.25 -14.64
CA VAL A 46 3.38 23.84 -14.82
C VAL A 46 4.65 22.98 -14.76
N GLU A 47 5.73 23.38 -15.43
CA GLU A 47 7.01 22.63 -15.32
C GLU A 47 7.47 22.55 -13.86
N GLU A 48 7.36 23.65 -13.14
CA GLU A 48 7.85 23.69 -11.76
C GLU A 48 7.08 22.73 -10.85
N GLU A 49 5.77 22.69 -11.00
CA GLU A 49 4.95 21.75 -10.29
C GLU A 49 5.29 20.31 -10.61
N MET A 50 5.56 20.04 -11.88
CA MET A 50 6.03 18.73 -12.30
C MET A 50 7.40 18.31 -11.66
N GLN A 51 8.38 19.20 -11.77
CA GLN A 51 9.74 18.91 -11.33
C GLN A 51 9.84 18.89 -9.80
N SER A 52 9.11 19.77 -9.12
CA SER A 52 9.31 19.93 -7.69
C SER A 52 8.52 18.91 -6.87
N THR A 53 7.63 18.15 -7.48
CA THR A 53 6.90 17.13 -6.71
C THR A 53 7.38 15.71 -7.04
N VAL A 54 8.58 15.59 -7.56
CA VAL A 54 9.23 14.27 -7.68
C VAL A 54 9.68 13.80 -6.29
N ARG A 55 9.47 12.54 -5.97
CA ARG A 55 9.98 11.97 -4.74
C ARG A 55 10.50 10.57 -5.02
N GLU A 56 11.18 10.00 -4.03
CA GLU A 56 11.54 8.59 -4.04
C GLU A 56 10.30 7.78 -3.67
N HIS A 57 10.23 6.61 -4.27
CA HIS A 57 9.11 5.70 -4.10
C HIS A 57 9.59 4.45 -3.40
N ARG A 58 8.67 3.83 -2.67
CA ARG A 58 8.97 2.69 -1.78
C ARG A 58 9.41 1.46 -2.58
N ASP A 59 9.01 1.41 -3.86
CA ASP A 59 9.50 0.34 -4.73
C ASP A 59 10.90 0.48 -5.31
N GLY A 60 11.67 1.49 -4.89
CA GLY A 60 13.00 1.71 -5.41
C GLY A 60 13.06 2.03 -6.91
N GLY A 61 11.94 2.40 -7.52
CA GLY A 61 11.90 2.68 -8.97
C GLY A 61 11.28 1.57 -9.81
N HIS A 62 10.94 0.44 -9.23
CA HIS A 62 10.42 -0.69 -10.01
C HIS A 62 9.29 -0.28 -10.99
N ALA A 63 8.28 0.44 -10.51
CA ALA A 63 7.10 0.75 -11.36
C ALA A 63 7.38 1.83 -12.39
N GLY A 64 7.98 2.93 -11.93
CA GLY A 64 8.07 4.13 -12.74
C GLY A 64 9.45 4.52 -13.18
N GLY A 65 10.48 3.81 -12.71
CA GLY A 65 11.83 4.06 -13.11
C GLY A 65 12.61 4.86 -12.10
N ILE A 66 13.92 4.89 -12.31
CA ILE A 66 14.87 5.59 -11.43
C ILE A 66 15.24 6.95 -12.02
N PHE A 67 14.89 8.02 -11.30
CA PHE A 67 15.13 9.38 -11.73
C PHE A 67 14.89 10.35 -10.60
N ASN A 68 15.50 11.53 -10.70
CA ASN A 68 15.26 12.63 -9.79
C ASN A 68 14.56 13.81 -10.42
N ARG A 69 14.48 13.81 -11.74
CA ARG A 69 13.87 14.91 -12.47
C ARG A 69 13.56 14.46 -13.87
N TYR A 70 12.84 15.31 -14.56
CA TYR A 70 12.43 15.06 -15.93
C TYR A 70 13.07 15.96 -16.94
N ASN A 71 13.04 15.50 -18.19
CA ASN A 71 13.25 16.38 -19.32
C ASN A 71 11.89 16.69 -19.92
N ILE A 72 11.43 17.92 -19.75
CA ILE A 72 10.10 18.30 -20.22
C ILE A 72 10.22 18.68 -21.68
N LEU A 73 9.53 17.93 -22.52
CA LEU A 73 9.65 18.07 -23.97
C LEU A 73 8.60 19.02 -24.56
N LYS A 74 7.40 18.95 -24.02
CA LYS A 74 6.33 19.77 -24.51
C LYS A 74 5.26 19.90 -23.43
N ILE A 75 4.61 21.08 -23.39
CA ILE A 75 3.43 21.25 -22.58
C ILE A 75 2.32 21.85 -23.41
N GLN A 76 1.18 21.15 -23.49
CA GLN A 76 0.01 21.60 -24.24
C GLN A 76 -1.20 21.85 -23.38
N LYS A 77 -1.89 22.92 -23.70
CA LYS A 77 -3.14 23.26 -23.10
C LYS A 77 -4.25 22.47 -23.83
N VAL A 78 -5.10 21.80 -23.07
CA VAL A 78 -6.18 21.00 -23.64
C VAL A 78 -7.45 21.83 -23.64
N CYS A 79 -8.01 22.05 -24.83
CA CYS A 79 -9.19 22.89 -25.02
C CYS A 79 -10.34 22.10 -25.63
N ASN A 80 -11.39 21.91 -24.85
CA ASN A 80 -12.62 21.26 -25.32
C ASN A 80 -13.81 21.87 -24.59
N LYS A 81 -14.59 22.64 -25.32
CA LYS A 81 -15.70 23.39 -24.78
C LYS A 81 -16.71 22.47 -24.10
N LYS A 82 -17.11 21.40 -24.77
CA LYS A 82 -18.07 20.49 -24.17
C LYS A 82 -17.56 19.89 -22.86
N LEU A 83 -16.30 19.45 -22.81
CA LEU A 83 -15.80 18.82 -21.60
C LEU A 83 -15.69 19.85 -20.47
N TRP A 84 -15.36 21.10 -20.83
CA TRP A 84 -15.16 22.18 -19.88
C TRP A 84 -16.50 22.53 -19.22
N GLU A 85 -17.51 22.68 -20.05
CA GLU A 85 -18.85 22.95 -19.55
C GLU A 85 -19.42 21.80 -18.71
N ARG A 86 -19.06 20.58 -19.06
CA ARG A 86 -19.44 19.44 -18.25
C ARG A 86 -18.77 19.55 -16.88
N TYR A 87 -17.49 19.91 -16.88
CA TYR A 87 -16.74 20.07 -15.63
C TYR A 87 -17.33 21.22 -14.74
N THR A 88 -17.54 22.39 -15.33
CA THR A 88 -18.02 23.55 -14.55
C THR A 88 -19.44 23.41 -14.05
N HIS A 89 -20.26 22.67 -14.80
CA HIS A 89 -21.61 22.36 -14.36
C HIS A 89 -21.56 21.54 -13.08
N ARG A 90 -20.76 20.50 -13.08
CA ARG A 90 -20.63 19.66 -11.90
C ARG A 90 -19.95 20.43 -10.71
N ARG A 91 -19.03 21.31 -11.01
CA ARG A 91 -18.30 22.05 -10.00
C ARG A 91 -19.30 22.89 -9.20
N LYS A 92 -20.21 23.55 -9.93
CA LYS A 92 -21.25 24.35 -9.35
C LYS A 92 -22.17 23.52 -8.46
N GLU A 93 -22.54 22.33 -8.88
CA GLU A 93 -23.32 21.48 -8.02
C GLU A 93 -22.60 21.15 -6.70
N VAL A 94 -21.34 20.74 -6.79
CA VAL A 94 -20.60 20.39 -5.60
C VAL A 94 -20.46 21.60 -4.66
N SER A 95 -20.09 22.73 -5.27
CA SER A 95 -19.95 24.00 -4.58
C SER A 95 -21.19 24.35 -3.73
N GLU A 96 -22.34 24.27 -4.39
CA GLU A 96 -23.59 24.56 -3.73
C GLU A 96 -23.96 23.58 -2.63
N GLU A 97 -23.45 22.34 -2.69
CA GLU A 97 -23.58 21.36 -1.57
C GLU A 97 -22.48 21.49 -0.52
N ASN A 98 -21.57 22.46 -0.66
CA ASN A 98 -20.42 22.56 0.25
C ASN A 98 -20.08 24.02 0.53
N HIS A 99 -21.09 24.78 0.98
CA HIS A 99 -20.95 26.20 1.34
C HIS A 99 -20.17 26.99 0.33
N ASN A 100 -20.58 26.83 -0.93
CA ASN A 100 -19.97 27.50 -2.07
C ASN A 100 -18.45 27.31 -2.16
N HIS A 101 -17.97 26.13 -1.84
CA HIS A 101 -16.53 25.81 -1.93
C HIS A 101 -16.39 24.50 -2.72
N ALA A 102 -15.96 24.63 -3.96
CA ALA A 102 -15.65 23.48 -4.82
C ALA A 102 -14.44 22.68 -4.34
N ASN A 103 -13.56 23.30 -3.56
CA ASN A 103 -12.32 22.68 -3.11
C ASN A 103 -11.58 22.11 -4.33
N GLU A 104 -11.28 23.01 -5.30
CA GLU A 104 -10.67 22.66 -6.53
C GLU A 104 -9.15 22.63 -6.39
N ARG A 105 -8.55 21.57 -6.89
CA ARG A 105 -7.10 21.42 -6.84
C ARG A 105 -6.59 21.19 -8.25
N MET A 106 -5.27 21.36 -8.43
CA MET A 106 -4.60 20.87 -9.64
C MET A 106 -3.72 19.67 -9.28
N LEU A 107 -3.96 18.53 -9.95
CA LEU A 107 -3.38 17.26 -9.59
C LEU A 107 -2.99 16.47 -10.84
N PHE A 108 -2.04 15.55 -10.67
CA PHE A 108 -1.50 14.81 -11.79
C PHE A 108 -2.29 13.54 -12.03
N HIS A 109 -2.37 13.13 -13.29
CA HIS A 109 -2.95 11.84 -13.60
C HIS A 109 -2.12 11.16 -14.68
N GLY A 110 -1.67 9.95 -14.39
CA GLY A 110 -0.89 9.13 -15.35
C GLY A 110 -1.72 7.94 -15.78
N SER A 111 -1.76 7.66 -17.08
CA SER A 111 -2.63 6.62 -17.59
C SER A 111 -2.28 6.15 -18.99
N PRO A 112 -2.37 4.85 -19.25
CA PRO A 112 -2.34 4.43 -20.66
C PRO A 112 -3.43 5.02 -21.53
N PHE A 113 -4.49 5.57 -20.93
CA PHE A 113 -5.65 6.06 -21.69
C PHE A 113 -5.70 7.59 -21.89
N VAL A 114 -4.54 8.20 -21.76
CA VAL A 114 -4.44 9.63 -21.85
C VAL A 114 -5.01 10.17 -23.18
N ASN A 115 -4.76 9.50 -24.30
CA ASN A 115 -5.37 9.94 -25.56
C ASN A 115 -6.90 9.91 -25.56
N ALA A 116 -7.53 8.85 -25.02
CA ALA A 116 -8.99 8.86 -24.88
C ALA A 116 -9.52 9.91 -23.89
N ILE A 117 -8.77 10.14 -22.81
CA ILE A 117 -9.21 11.14 -21.82
C ILE A 117 -9.22 12.53 -22.42
N ILE A 118 -8.19 12.92 -23.13
CA ILE A 118 -8.21 14.30 -23.66
C ILE A 118 -9.30 14.54 -24.71
N HIS A 119 -9.71 13.50 -25.43
CA HIS A 119 -10.79 13.62 -26.43
C HIS A 119 -12.21 13.43 -25.91
N LYS A 120 -12.39 12.52 -24.94
CA LYS A 120 -13.73 12.13 -24.49
C LYS A 120 -13.97 12.46 -23.01
N GLY A 121 -12.94 12.83 -22.25
CA GLY A 121 -13.11 13.17 -20.82
C GLY A 121 -12.88 11.95 -19.96
N PHE A 122 -12.86 12.16 -18.65
CA PHE A 122 -12.81 11.03 -17.74
C PHE A 122 -14.18 10.35 -17.69
N ASP A 123 -14.23 9.03 -17.62
CA ASP A 123 -15.50 8.37 -17.37
C ASP A 123 -15.31 7.04 -16.60
N GLU A 124 -16.43 6.42 -16.23
CA GLU A 124 -16.43 5.24 -15.35
C GLU A 124 -15.59 4.06 -15.87
N ARG A 125 -15.30 4.06 -17.16
CA ARG A 125 -14.37 3.09 -17.73
C ARG A 125 -12.94 3.25 -17.22
N HIS A 126 -12.49 4.46 -16.87
CA HIS A 126 -11.14 4.65 -16.30
C HIS A 126 -11.02 4.31 -14.78
N ALA A 127 -12.05 3.66 -14.22
CA ALA A 127 -12.13 3.47 -12.79
C ALA A 127 -11.19 2.37 -12.33
N TYR A 128 -10.19 2.77 -11.55
CA TYR A 128 -9.25 1.85 -10.95
C TYR A 128 -9.94 0.97 -9.91
N ILE A 129 -10.40 -0.21 -10.35
CA ILE A 129 -11.18 -1.11 -9.51
C ILE A 129 -10.35 -1.55 -8.30
N GLY A 130 -9.08 -1.87 -8.55
CA GLY A 130 -8.21 -2.35 -7.50
C GLY A 130 -7.59 -1.27 -6.62
N GLY A 131 -7.98 -0.02 -6.83
CA GLY A 131 -7.43 1.08 -6.03
C GLY A 131 -7.78 0.92 -4.55
N MET A 132 -6.95 1.46 -3.70
CA MET A 132 -7.07 1.25 -2.28
C MET A 132 -8.22 2.00 -1.66
N PHE A 133 -8.81 2.94 -2.40
CA PHE A 133 -9.98 3.64 -1.92
C PHE A 133 -11.19 3.29 -2.78
N GLY A 134 -11.12 2.16 -3.45
CA GLY A 134 -12.24 1.68 -4.26
C GLY A 134 -12.16 2.20 -5.70
N ALA A 135 -13.18 1.85 -6.47
CA ALA A 135 -13.21 2.02 -7.89
C ALA A 135 -13.57 3.46 -8.22
N GLY A 136 -12.55 4.27 -8.41
CA GLY A 136 -12.76 5.64 -8.87
C GLY A 136 -11.60 6.09 -9.70
N ILE A 137 -11.53 7.41 -9.91
CA ILE A 137 -10.48 7.96 -10.73
C ILE A 137 -9.50 8.63 -9.79
N TYR A 138 -8.25 8.25 -9.90
CA TYR A 138 -7.24 8.62 -8.92
C TYR A 138 -6.32 9.74 -9.44
N PHE A 139 -5.93 10.61 -8.54
CA PHE A 139 -5.00 11.68 -8.84
C PHE A 139 -3.95 11.80 -7.76
N ALA A 140 -2.81 12.40 -8.10
CA ALA A 140 -1.69 12.50 -7.19
C ALA A 140 -1.12 13.90 -7.13
N GLU A 141 -0.73 14.33 -5.93
CA GLU A 141 0.08 15.56 -5.79
C GLU A 141 1.51 15.33 -6.24
N ASN A 142 2.07 14.14 -6.01
CA ASN A 142 3.39 13.86 -6.54
C ASN A 142 3.33 13.40 -7.99
N SER A 143 3.95 14.18 -8.88
CA SER A 143 4.06 13.80 -10.28
C SER A 143 4.69 12.42 -10.46
N SER A 144 5.75 12.13 -9.66
CA SER A 144 6.43 10.84 -9.75
C SER A 144 5.51 9.65 -9.41
N LYS A 145 4.49 9.90 -8.59
CA LYS A 145 3.45 8.89 -8.31
C LYS A 145 2.58 8.62 -9.54
N SER A 146 2.01 9.65 -10.15
CA SER A 146 1.28 9.46 -11.41
C SER A 146 2.15 8.82 -12.50
N ASN A 147 3.45 9.10 -12.47
CA ASN A 147 4.39 8.51 -13.40
C ASN A 147 4.44 7.01 -13.38
N GLN A 148 4.16 6.41 -12.23
CA GLN A 148 4.10 4.96 -12.09
C GLN A 148 2.98 4.28 -12.87
N TYR A 149 2.03 5.04 -13.37
CA TYR A 149 0.86 4.47 -13.98
C TYR A 149 0.76 4.79 -15.44
N VAL A 150 1.76 5.51 -15.95
CA VAL A 150 1.80 5.90 -17.36
C VAL A 150 1.75 4.68 -18.30
N TYR A 151 2.40 3.58 -17.92
CA TYR A 151 2.38 2.38 -18.75
C TYR A 151 1.50 1.30 -18.16
N GLY A 152 0.67 1.68 -17.20
CA GLY A 152 -0.32 0.78 -16.62
C GLY A 152 -0.06 0.60 -15.15
N ILE A 153 -0.89 -0.21 -14.52
CA ILE A 153 -0.81 -0.48 -13.08
C ILE A 153 0.55 -1.12 -12.80
N GLY A 154 1.29 -0.57 -11.83
CA GLY A 154 2.58 -1.08 -11.49
C GLY A 154 3.59 -0.82 -12.59
N GLY A 155 3.23 0.03 -13.55
CA GLY A 155 4.08 0.25 -14.66
C GLY A 155 3.96 -0.75 -15.81
N GLY A 156 3.03 -1.70 -15.68
CA GLY A 156 2.83 -2.71 -16.69
C GLY A 156 4.11 -3.40 -17.09
N THR A 157 4.33 -3.52 -18.38
CA THR A 157 5.56 -4.11 -18.90
C THR A 157 6.51 -3.02 -19.40
N GLY A 158 6.33 -1.79 -18.93
CA GLY A 158 7.21 -0.70 -19.32
C GLY A 158 6.79 -0.12 -20.65
N CYS A 159 7.70 0.60 -21.27
CA CYS A 159 7.45 1.20 -22.59
C CYS A 159 7.15 0.17 -23.68
N PRO A 160 6.29 0.54 -24.64
CA PRO A 160 5.97 -0.32 -25.79
C PRO A 160 7.19 -0.78 -26.56
N VAL A 161 8.18 0.09 -26.70
CA VAL A 161 9.27 -0.16 -27.61
C VAL A 161 10.34 -1.02 -26.98
N HIS A 162 10.72 -0.76 -25.74
CA HIS A 162 11.79 -1.53 -25.08
C HIS A 162 11.35 -2.42 -23.93
N LYS A 163 10.08 -2.41 -23.57
CA LYS A 163 9.59 -3.07 -22.35
C LYS A 163 10.42 -2.72 -21.12
N ASP A 164 10.75 -1.44 -21.00
CA ASP A 164 11.55 -0.99 -19.89
C ASP A 164 10.73 0.04 -19.06
N ARG A 165 10.39 -0.32 -17.84
CA ARG A 165 9.68 0.59 -16.94
C ARG A 165 10.51 1.78 -16.56
N SER A 166 11.83 1.66 -16.73
CA SER A 166 12.75 2.76 -16.48
C SER A 166 13.34 3.37 -17.75
N CYS A 167 12.65 3.25 -18.88
CA CYS A 167 13.21 3.75 -20.14
C CYS A 167 13.49 5.24 -20.07
N TYR A 168 14.73 5.61 -20.40
CA TYR A 168 15.13 7.02 -20.49
C TYR A 168 14.96 7.60 -21.90
N ILE A 169 14.52 6.77 -22.85
CA ILE A 169 14.43 7.20 -24.24
C ILE A 169 13.01 7.57 -24.65
N CYS A 170 12.06 6.73 -24.26
CA CYS A 170 10.70 6.84 -24.79
C CYS A 170 9.97 8.01 -24.11
N HIS A 171 9.20 8.73 -24.93
CA HIS A 171 8.41 9.85 -24.49
C HIS A 171 7.21 9.39 -23.67
N ARG A 172 7.04 9.98 -22.50
CA ARG A 172 5.92 9.72 -21.64
C ARG A 172 4.96 10.91 -21.63
N GLN A 173 3.71 10.65 -21.32
CA GLN A 173 2.75 11.73 -21.09
C GLN A 173 2.02 11.64 -19.75
N LEU A 174 1.90 12.78 -19.07
CA LEU A 174 1.06 12.95 -17.89
C LEU A 174 0.03 14.05 -18.15
N LEU A 175 -1.10 13.96 -17.47
CA LEU A 175 -2.07 15.06 -17.40
C LEU A 175 -1.91 15.78 -16.07
N PHE A 176 -2.03 17.10 -16.14
CA PHE A 176 -2.12 17.96 -14.95
C PHE A 176 -3.52 18.53 -15.03
N CYS A 177 -4.37 18.14 -14.06
CA CYS A 177 -5.82 18.27 -14.16
C CYS A 177 -6.45 19.16 -13.09
N ARG A 178 -7.53 19.82 -13.45
CA ARG A 178 -8.38 20.57 -12.49
C ARG A 178 -9.37 19.56 -11.92
N VAL A 179 -9.34 19.37 -10.60
CA VAL A 179 -10.12 18.35 -9.95
C VAL A 179 -10.95 18.98 -8.83
N THR A 180 -12.26 18.76 -8.85
CA THR A 180 -13.15 19.24 -7.83
C THR A 180 -13.25 18.20 -6.73
N LEU A 181 -12.86 18.54 -5.51
CA LEU A 181 -12.89 17.57 -4.40
C LEU A 181 -14.10 17.69 -3.51
N GLY A 182 -14.72 18.88 -3.48
CA GLY A 182 -15.75 19.21 -2.52
C GLY A 182 -15.39 18.77 -1.11
N LYS A 183 -16.37 18.20 -0.42
CA LYS A 183 -16.15 17.61 0.90
C LYS A 183 -15.49 16.27 0.70
N SER A 184 -14.22 16.20 1.08
CA SER A 184 -13.41 15.02 0.85
C SER A 184 -13.35 14.15 2.09
N PHE A 185 -13.61 12.87 1.93
CA PHE A 185 -13.43 11.92 3.02
C PHE A 185 -11.93 11.65 3.29
N LEU A 186 -11.50 11.91 4.52
CA LEU A 186 -10.11 11.79 4.89
C LEU A 186 -9.82 10.40 5.38
N GLN A 187 -8.95 9.71 4.66
CA GLN A 187 -8.52 8.38 4.97
C GLN A 187 -7.04 8.42 5.33
N PHE A 188 -6.68 7.99 6.53
CA PHE A 188 -5.26 7.93 6.93
C PHE A 188 -4.74 6.58 6.44
N SER A 189 -3.47 6.46 6.10
CA SER A 189 -3.02 5.19 5.48
C SER A 189 -1.52 5.15 5.26
N ALA A 190 -0.99 3.92 5.17
CA ALA A 190 0.45 3.70 4.95
C ALA A 190 0.91 4.12 3.56
N MET A 193 -18.03 2.15 -11.68
CA MET A 193 -17.55 3.12 -10.69
C MET A 193 -18.30 2.98 -9.37
N ALA A 194 -17.57 3.00 -8.25
CA ALA A 194 -18.21 3.01 -6.93
C ALA A 194 -18.83 4.36 -6.65
N HIS A 195 -19.42 4.51 -5.48
CA HIS A 195 -19.98 5.77 -5.07
C HIS A 195 -19.05 6.39 -4.06
N SER A 196 -19.12 7.71 -3.91
CA SER A 196 -18.40 8.40 -2.85
CA SER A 196 -18.39 8.38 -2.84
C SER A 196 -18.99 7.97 -1.51
N PRO A 197 -18.18 8.01 -0.43
CA PRO A 197 -18.77 7.78 0.89
C PRO A 197 -19.95 8.73 1.09
N PRO A 198 -21.06 8.25 1.68
CA PRO A 198 -22.20 9.16 1.91
C PRO A 198 -21.78 10.52 2.52
N GLY A 199 -22.34 11.60 2.00
CA GLY A 199 -22.02 12.95 2.45
C GLY A 199 -20.71 13.56 1.95
N HIS A 200 -20.03 12.93 0.98
CA HIS A 200 -18.71 13.37 0.54
C HIS A 200 -18.63 13.35 -0.98
N HIS A 201 -17.77 14.18 -1.57
CA HIS A 201 -17.63 14.22 -3.03
C HIS A 201 -16.36 13.55 -3.55
N SER A 202 -15.53 13.05 -2.63
CA SER A 202 -14.21 12.54 -2.96
C SER A 202 -13.59 11.87 -1.77
N VAL A 203 -12.45 11.22 -2.00
CA VAL A 203 -11.68 10.64 -0.91
C VAL A 203 -10.27 11.21 -0.98
N THR A 204 -9.72 11.57 0.18
CA THR A 204 -8.32 11.96 0.29
C THR A 204 -7.53 10.87 0.96
N GLY A 205 -6.50 10.37 0.29
CA GLY A 205 -5.57 9.43 0.91
C GLY A 205 -4.40 10.19 1.52
N ARG A 206 -4.40 10.35 2.85
CA ARG A 206 -3.32 11.04 3.58
CA ARG A 206 -3.32 11.02 3.56
C ARG A 206 -2.23 10.01 3.91
N PRO A 207 -0.97 10.30 3.53
CA PRO A 207 0.09 9.34 3.91
C PRO A 207 0.37 9.40 5.40
N SER A 208 0.52 8.24 6.03
CA SER A 208 0.72 8.08 7.49
C SER A 208 1.97 7.26 7.90
N VAL A 209 2.89 7.01 6.97
CA VAL A 209 4.13 6.30 7.26
C VAL A 209 5.28 7.09 6.63
N ASN A 210 5.30 7.10 5.29
CA ASN A 210 6.26 7.89 4.53
C ASN A 210 5.94 9.37 4.72
N GLY A 211 6.75 9.99 5.58
CA GLY A 211 6.65 11.43 5.82
C GLY A 211 6.98 12.28 4.61
N LEU A 212 7.56 11.70 3.56
CA LEU A 212 7.82 12.54 2.37
C LEU A 212 6.71 12.51 1.31
N ALA A 213 5.82 11.56 1.42
CA ALA A 213 4.80 11.34 0.39
C ALA A 213 3.77 12.42 0.47
N LEU A 214 3.30 12.91 -0.68
CA LEU A 214 2.15 13.82 -0.70
C LEU A 214 0.84 13.01 -0.85
N ALA A 215 -0.30 13.69 -0.70
CA ALA A 215 -1.60 13.08 -0.79
C ALA A 215 -1.98 12.58 -2.18
N GLU A 216 -2.85 11.57 -2.18
CA GLU A 216 -3.53 11.08 -3.38
C GLU A 216 -5.04 11.26 -3.14
N TYR A 217 -5.80 11.38 -4.23
CA TYR A 217 -7.21 11.72 -4.16
C TYR A 217 -8.02 10.83 -5.11
N VAL A 218 -9.31 10.63 -4.83
CA VAL A 218 -10.16 9.82 -5.71
C VAL A 218 -11.49 10.51 -5.84
N ILE A 219 -11.98 10.61 -7.08
CA ILE A 219 -13.33 11.11 -7.36
C ILE A 219 -14.09 9.94 -7.99
N TYR A 220 -15.41 10.00 -7.91
CA TYR A 220 -16.26 8.90 -8.37
C TYR A 220 -17.16 9.35 -9.53
N ARG A 221 -16.96 10.58 -10.03
CA ARG A 221 -17.69 11.10 -11.17
C ARG A 221 -16.66 11.67 -12.15
N GLY A 222 -16.71 11.20 -13.40
CA GLY A 222 -15.83 11.69 -14.46
C GLY A 222 -15.85 13.19 -14.69
N GLU A 223 -17.01 13.79 -14.45
CA GLU A 223 -17.23 15.22 -14.64
C GLU A 223 -16.60 16.09 -13.56
N GLN A 224 -16.03 15.48 -12.52
CA GLN A 224 -15.31 16.23 -11.46
C GLN A 224 -13.83 16.47 -11.75
N ALA A 225 -13.37 16.17 -12.95
CA ALA A 225 -12.05 16.53 -13.37
C ALA A 225 -12.08 16.96 -14.83
N TYR A 226 -11.21 17.92 -15.16
CA TYR A 226 -10.96 18.40 -16.51
C TYR A 226 -9.46 18.31 -16.79
N PRO A 227 -9.08 17.63 -17.89
CA PRO A 227 -7.67 17.43 -18.20
C PRO A 227 -7.00 18.63 -18.86
N GLU A 228 -6.39 19.51 -18.08
CA GLU A 228 -6.06 20.83 -18.56
C GLU A 228 -4.74 20.96 -19.31
N TYR A 229 -3.70 20.23 -18.88
CA TYR A 229 -2.42 20.29 -19.51
C TYR A 229 -1.96 18.88 -19.83
N LEU A 230 -1.56 18.69 -21.08
CA LEU A 230 -0.82 17.49 -21.50
C LEU A 230 0.68 17.79 -21.49
N ILE A 231 1.39 17.06 -20.65
CA ILE A 231 2.82 17.18 -20.51
C ILE A 231 3.53 15.98 -21.13
N THR A 232 4.42 16.23 -22.08
CA THR A 232 5.24 15.20 -22.71
C THR A 232 6.65 15.32 -22.16
N TYR A 233 7.25 14.20 -21.75
CA TYR A 233 8.50 14.28 -21.01
C TYR A 233 9.25 12.96 -21.10
N GLN A 234 10.53 13.01 -20.75
CA GLN A 234 11.28 11.82 -20.39
C GLN A 234 11.72 11.88 -18.93
N ILE A 235 11.84 10.72 -18.30
CA ILE A 235 12.55 10.68 -17.03
C ILE A 235 14.06 10.78 -17.32
N MET A 236 14.83 11.37 -16.41
CA MET A 236 16.28 11.52 -16.64
C MET A 236 17.12 10.58 -15.79
N ARG A 237 18.08 9.90 -16.41
CA ARG A 237 18.96 8.99 -15.68
C ARG A 237 19.81 9.83 -14.71
N PRO A 238 19.80 9.50 -13.41
CA PRO A 238 20.63 10.31 -12.49
C PRO A 238 22.11 10.24 -12.82
N GLU A 239 22.88 11.26 -12.46
CA GLU A 239 24.31 11.29 -12.76
C GLU A 239 25.10 10.36 -11.87
N GLY B 30 17.80 0.02 2.65
CA GLY B 30 18.00 -1.25 1.90
C GLY B 30 16.70 -1.94 1.52
N THR B 31 15.57 -1.51 2.06
CA THR B 31 14.34 -2.23 1.79
C THR B 31 13.57 -1.64 0.64
N ILE B 32 13.13 -2.48 -0.28
CA ILE B 32 12.17 -2.04 -1.27
C ILE B 32 10.93 -2.93 -1.15
N LEU B 33 9.79 -2.33 -1.45
CA LEU B 33 8.51 -3.00 -1.44
C LEU B 33 7.99 -3.11 -2.86
N ILE B 34 7.65 -4.32 -3.31
CA ILE B 34 7.10 -4.54 -4.65
C ILE B 34 5.64 -4.97 -4.55
N ASP B 35 4.74 -4.20 -5.15
CA ASP B 35 3.33 -4.55 -5.10
C ASP B 35 3.03 -5.77 -5.91
N LEU B 36 2.21 -6.66 -5.38
CA LEU B 36 1.76 -7.80 -6.14
C LEU B 36 0.43 -7.45 -6.79
N SER B 37 0.24 -7.95 -8.01
CA SER B 37 -1.03 -7.78 -8.71
C SER B 37 -2.04 -8.73 -8.11
N PRO B 38 -3.27 -8.27 -7.91
CA PRO B 38 -4.32 -9.18 -7.49
C PRO B 38 -4.55 -10.35 -8.44
N ASP B 39 -4.11 -10.23 -9.69
CA ASP B 39 -4.21 -11.32 -10.66
C ASP B 39 -3.12 -12.34 -10.58
N ASP B 40 -2.12 -12.08 -9.77
CA ASP B 40 -0.99 -12.95 -9.60
C ASP B 40 -1.38 -14.06 -8.62
N LYS B 41 -0.98 -15.29 -8.90
CA LYS B 41 -1.21 -16.39 -7.99
C LYS B 41 -0.51 -16.25 -6.62
N GLU B 42 0.59 -15.50 -6.57
CA GLU B 42 1.26 -15.24 -5.30
C GLU B 42 0.38 -14.39 -4.37
N PHE B 43 -0.17 -13.32 -4.91
CA PHE B 43 -1.14 -12.49 -4.20
C PHE B 43 -2.27 -13.36 -3.70
N GLN B 44 -2.80 -14.19 -4.58
CA GLN B 44 -4.01 -14.93 -4.28
C GLN B 44 -3.80 -15.96 -3.17
N SER B 45 -2.62 -16.57 -3.18
CA SER B 45 -2.24 -17.52 -2.19
C SER B 45 -2.11 -16.87 -0.81
N VAL B 46 -1.50 -15.70 -0.78
CA VAL B 46 -1.34 -14.98 0.45
C VAL B 46 -2.68 -14.52 0.98
N GLU B 47 -3.51 -13.95 0.13
CA GLU B 47 -4.84 -13.59 0.58
C GLU B 47 -5.59 -14.80 1.12
N GLU B 48 -5.47 -15.95 0.46
CA GLU B 48 -6.24 -17.11 0.93
C GLU B 48 -5.75 -17.59 2.29
N GLU B 49 -4.46 -17.50 2.53
CA GLU B 49 -3.90 -17.84 3.80
C GLU B 49 -4.42 -16.89 4.92
N MET B 50 -4.53 -15.60 4.63
CA MET B 50 -5.19 -14.64 5.55
C MET B 50 -6.63 -15.05 5.84
N GLN B 51 -7.42 -15.15 4.76
CA GLN B 51 -8.87 -15.28 4.92
C GLN B 51 -9.22 -16.62 5.58
N SER B 52 -8.50 -17.68 5.24
CA SER B 52 -8.87 -19.00 5.69
C SER B 52 -8.48 -19.24 7.13
N THR B 53 -7.63 -18.39 7.72
CA THR B 53 -7.15 -18.62 9.08
C THR B 53 -7.76 -17.64 10.07
N VAL B 54 -8.81 -16.94 9.66
CA VAL B 54 -9.64 -16.20 10.60
C VAL B 54 -10.39 -17.21 11.49
N ARG B 55 -10.43 -16.95 12.79
CA ARG B 55 -11.23 -17.75 13.72
C ARG B 55 -11.90 -16.84 14.76
N GLU B 56 -12.81 -17.41 15.53
CA GLU B 56 -13.39 -16.70 16.68
C GLU B 56 -12.39 -16.66 17.82
N HIS B 57 -12.45 -15.59 18.60
CA HIS B 57 -11.55 -15.44 19.72
C HIS B 57 -12.33 -15.34 21.01
N ARG B 58 -11.72 -15.81 22.08
CA ARG B 58 -12.39 -15.94 23.36
C ARG B 58 -12.79 -14.60 23.97
N ASP B 59 -12.18 -13.50 23.53
CA ASP B 59 -12.54 -12.18 24.01
C ASP B 59 -13.71 -11.56 23.29
N GLY B 60 -14.34 -12.33 22.41
CA GLY B 60 -15.48 -11.87 21.62
C GLY B 60 -15.17 -10.73 20.64
N GLY B 61 -13.89 -10.50 20.31
CA GLY B 61 -13.50 -9.42 19.42
C GLY B 61 -12.94 -8.19 20.14
N HIS B 62 -12.90 -8.23 21.46
CA HIS B 62 -12.45 -7.10 22.23
C HIS B 62 -11.11 -6.50 21.76
N ALA B 63 -10.08 -7.33 21.58
CA ALA B 63 -8.75 -6.88 21.17
C ALA B 63 -8.62 -6.52 19.68
N GLY B 64 -9.12 -7.42 18.82
CA GLY B 64 -8.93 -7.34 17.38
C GLY B 64 -10.11 -6.85 16.54
N GLY B 65 -11.27 -6.77 17.15
CA GLY B 65 -12.51 -6.38 16.45
C GLY B 65 -13.39 -7.54 16.05
N ILE B 66 -14.57 -7.22 15.55
CA ILE B 66 -15.58 -8.26 15.22
C ILE B 66 -15.60 -8.38 13.69
N PHE B 67 -15.22 -9.55 13.20
CA PHE B 67 -15.20 -9.78 11.76
C PHE B 67 -15.08 -11.26 11.45
N ASN B 68 -15.49 -11.63 10.25
CA ASN B 68 -15.28 -12.98 9.74
C ASN B 68 -14.26 -13.06 8.62
N ARG B 69 -14.03 -11.92 7.97
CA ARG B 69 -13.14 -11.83 6.86
C ARG B 69 -12.56 -10.42 6.71
N TYR B 70 -11.58 -10.31 5.83
CA TYR B 70 -10.84 -9.07 5.61
C TYR B 70 -11.16 -8.55 4.22
N ASN B 71 -10.99 -7.24 4.06
CA ASN B 71 -10.83 -6.63 2.73
C ASN B 71 -9.34 -6.39 2.52
N ILE B 72 -8.71 -7.21 1.67
CA ILE B 72 -7.29 -7.09 1.36
C ILE B 72 -7.08 -5.96 0.30
N LEU B 73 -6.35 -4.93 0.70
CA LEU B 73 -6.11 -3.74 -0.08
C LEU B 73 -4.84 -3.82 -0.91
N LYS B 74 -3.81 -4.42 -0.37
CA LYS B 74 -2.54 -4.47 -1.00
C LYS B 74 -1.67 -5.56 -0.36
N ILE B 75 -0.88 -6.21 -1.18
CA ILE B 75 0.17 -7.11 -0.71
C ILE B 75 1.47 -6.75 -1.40
N GLN B 76 2.48 -6.51 -0.59
CA GLN B 76 3.80 -6.13 -1.05
C GLN B 76 4.84 -7.16 -0.66
N LYS B 77 5.70 -7.53 -1.61
CA LYS B 77 6.90 -8.28 -1.29
C LYS B 77 7.94 -7.35 -0.70
N VAL B 78 8.56 -7.79 0.39
CA VAL B 78 9.57 -7.03 1.08
C VAL B 78 10.95 -7.56 0.69
N CYS B 79 11.82 -6.71 0.14
CA CYS B 79 13.11 -7.12 -0.37
C CYS B 79 14.21 -6.33 0.30
N ASN B 80 15.12 -7.05 0.93
CA ASN B 80 16.25 -6.44 1.52
C ASN B 80 17.34 -7.49 1.58
N LYS B 81 18.42 -7.22 0.86
CA LYS B 81 19.50 -8.19 0.62
C LYS B 81 20.21 -8.48 1.92
N LYS B 82 20.48 -7.45 2.69
CA LYS B 82 21.20 -7.60 3.97
C LYS B 82 20.37 -8.43 4.96
N LEU B 83 19.09 -8.08 5.12
CA LEU B 83 18.21 -8.79 6.02
C LEU B 83 18.05 -10.24 5.58
N TRP B 84 17.95 -10.45 4.27
CA TRP B 84 17.80 -11.78 3.72
C TRP B 84 19.05 -12.62 3.96
N GLU B 85 20.22 -12.04 3.74
CA GLU B 85 21.47 -12.75 4.00
C GLU B 85 21.63 -13.11 5.47
N ARG B 86 21.23 -12.22 6.37
CA ARG B 86 21.24 -12.49 7.79
C ARG B 86 20.30 -13.64 8.18
N TYR B 87 19.08 -13.65 7.61
CA TYR B 87 18.16 -14.75 7.75
C TYR B 87 18.74 -16.10 7.23
N THR B 88 19.22 -16.14 5.98
CA THR B 88 19.71 -17.41 5.37
C THR B 88 20.98 -17.92 6.03
N HIS B 89 21.74 -17.01 6.62
CA HIS B 89 22.91 -17.45 7.33
C HIS B 89 22.50 -18.13 8.64
N ARG B 90 21.50 -17.57 9.32
CA ARG B 90 21.05 -18.13 10.57
C ARG B 90 20.30 -19.43 10.28
N ARG B 91 19.59 -19.48 9.15
CA ARG B 91 18.84 -20.66 8.76
C ARG B 91 19.79 -21.84 8.55
N LYS B 92 20.96 -21.56 7.97
CA LYS B 92 21.95 -22.61 7.71
C LYS B 92 22.52 -23.14 9.02
N GLU B 93 22.80 -22.27 9.98
CA GLU B 93 23.25 -22.71 11.32
C GLU B 93 22.23 -23.59 12.01
N VAL B 94 20.97 -23.14 12.01
CA VAL B 94 19.88 -23.90 12.59
C VAL B 94 19.71 -25.24 11.88
N SER B 95 19.63 -25.20 10.56
CA SER B 95 19.48 -26.43 9.79
C SER B 95 20.58 -27.46 10.11
N GLU B 96 21.84 -27.01 10.19
CA GLU B 96 22.96 -27.90 10.51
C GLU B 96 22.90 -28.46 11.94
N GLU B 97 22.53 -27.64 12.91
CA GLU B 97 22.30 -28.12 14.27
C GLU B 97 21.11 -29.07 14.40
N ASN B 98 20.13 -28.97 13.50
CA ASN B 98 18.94 -29.80 13.55
C ASN B 98 18.96 -30.88 12.48
N HIS B 99 20.15 -31.39 12.21
CA HIS B 99 20.38 -32.53 11.32
C HIS B 99 19.82 -32.32 9.92
N ASN B 100 20.19 -31.16 9.38
CA ASN B 100 19.78 -30.69 8.07
CA ASN B 100 19.78 -30.69 8.06
C ASN B 100 18.26 -30.49 7.92
N HIS B 101 17.66 -29.84 8.90
CA HIS B 101 16.22 -29.58 8.81
C HIS B 101 15.90 -28.23 9.44
N ALA B 102 15.68 -27.23 8.57
CA ALA B 102 15.41 -25.85 9.00
C ALA B 102 14.07 -25.71 9.68
N ASN B 103 13.14 -26.57 9.28
CA ASN B 103 11.79 -26.56 9.79
C ASN B 103 11.18 -25.17 9.58
N GLU B 104 11.18 -24.73 8.33
CA GLU B 104 10.81 -23.37 8.00
C GLU B 104 9.31 -23.30 7.68
N ARG B 105 8.64 -22.28 8.20
CA ARG B 105 7.21 -22.07 8.04
C ARG B 105 6.91 -20.69 7.52
N MET B 106 5.68 -20.49 7.06
CA MET B 106 5.15 -19.14 6.81
C MET B 106 4.12 -18.83 7.87
N LEU B 107 4.32 -17.71 8.58
CA LEU B 107 3.53 -17.36 9.74
C LEU B 107 3.25 -15.86 9.85
N PHE B 108 2.10 -15.48 10.42
CA PHE B 108 1.70 -14.10 10.62
C PHE B 108 2.38 -13.44 11.80
N HIS B 109 2.65 -12.14 11.64
CA HIS B 109 3.05 -11.27 12.74
C HIS B 109 2.38 -9.93 12.66
N GLY B 110 1.71 -9.55 13.75
CA GLY B 110 1.10 -8.25 13.84
C GLY B 110 1.81 -7.43 14.90
N SER B 111 2.03 -6.16 14.60
CA SER B 111 2.84 -5.31 15.46
C SER B 111 2.70 -3.82 15.13
N PRO B 112 2.60 -2.99 16.16
CA PRO B 112 2.75 -1.54 15.94
C PRO B 112 4.11 -1.17 15.36
N PHE B 113 5.10 -2.04 15.47
CA PHE B 113 6.43 -1.71 15.00
C PHE B 113 6.69 -2.21 13.58
N VAL B 114 5.63 -2.53 12.84
CA VAL B 114 5.80 -3.12 11.53
C VAL B 114 6.72 -2.26 10.63
N ASN B 115 6.71 -0.94 10.80
CA ASN B 115 7.59 -0.10 9.99
C ASN B 115 9.08 -0.27 10.31
N ALA B 116 9.43 -0.39 11.59
CA ALA B 116 10.79 -0.74 11.96
C ALA B 116 11.21 -2.12 11.44
N ILE B 117 10.30 -3.09 11.52
CA ILE B 117 10.64 -4.45 11.19
C ILE B 117 11.02 -4.58 9.72
N ILE B 118 10.23 -3.99 8.84
CA ILE B 118 10.54 -4.15 7.41
C ILE B 118 11.83 -3.44 7.00
N HIS B 119 12.26 -2.42 7.74
CA HIS B 119 13.45 -1.69 7.39
C HIS B 119 14.68 -2.21 8.10
N LYS B 120 14.55 -2.66 9.35
CA LYS B 120 15.70 -3.07 10.11
C LYS B 120 15.68 -4.51 10.60
N GLY B 121 14.56 -5.22 10.40
CA GLY B 121 14.47 -6.66 10.73
C GLY B 121 13.96 -6.87 12.13
N PHE B 122 13.79 -8.12 12.54
CA PHE B 122 13.34 -8.40 13.91
C PHE B 122 14.52 -8.28 14.85
N ASP B 123 14.28 -7.91 16.12
CA ASP B 123 15.32 -8.01 17.17
C ASP B 123 14.77 -7.93 18.62
N GLU B 124 15.65 -7.95 19.61
CA GLU B 124 15.29 -7.96 21.04
C GLU B 124 14.36 -6.84 21.53
N ARG B 125 14.24 -5.75 20.78
CA ARG B 125 13.27 -4.70 21.12
C ARG B 125 11.89 -5.29 21.03
N HIS B 126 11.66 -6.07 19.96
CA HIS B 126 10.34 -6.65 19.65
C HIS B 126 9.96 -7.85 20.55
N ALA B 127 10.81 -8.16 21.55
CA ALA B 127 10.57 -9.27 22.48
C ALA B 127 9.40 -8.97 23.40
N TYR B 128 8.37 -9.81 23.27
CA TYR B 128 7.17 -9.76 24.08
C TYR B 128 7.53 -10.40 25.40
N ILE B 129 7.91 -9.54 26.35
CA ILE B 129 8.48 -9.98 27.62
C ILE B 129 7.49 -10.83 28.40
N GLY B 130 6.22 -10.47 28.37
CA GLY B 130 5.21 -11.17 29.12
C GLY B 130 4.40 -12.15 28.32
N GLY B 131 5.00 -12.71 27.28
CA GLY B 131 4.31 -13.75 26.51
C GLY B 131 4.29 -15.03 27.33
N MET B 132 3.27 -15.85 27.11
CA MET B 132 3.14 -17.11 27.83
C MET B 132 4.33 -18.10 27.68
N PHE B 133 5.10 -18.00 26.60
CA PHE B 133 6.20 -18.92 26.37
C PHE B 133 7.53 -18.24 26.46
N GLY B 134 7.61 -17.18 27.23
CA GLY B 134 8.89 -16.52 27.46
C GLY B 134 9.03 -15.31 26.58
N ALA B 135 10.13 -14.60 26.80
CA ALA B 135 10.41 -13.34 26.10
C ALA B 135 11.06 -13.64 24.76
N GLY B 136 10.27 -13.60 23.70
CA GLY B 136 10.76 -13.92 22.38
C GLY B 136 9.89 -13.25 21.33
N ILE B 137 10.09 -13.62 20.10
CA ILE B 137 9.29 -13.01 19.03
C ILE B 137 8.22 -14.01 18.61
N TYR B 138 6.97 -13.58 18.68
CA TYR B 138 5.82 -14.43 18.51
C TYR B 138 5.23 -14.37 17.11
N PHE B 139 4.70 -15.50 16.65
CA PHE B 139 4.07 -15.62 15.34
C PHE B 139 2.85 -16.51 15.47
N ALA B 140 1.86 -16.26 14.63
CA ALA B 140 0.61 -17.05 14.63
C ALA B 140 0.30 -17.76 13.30
N GLU B 141 -0.26 -18.95 13.39
CA GLU B 141 -0.88 -19.59 12.22
C GLU B 141 -2.26 -18.94 11.95
N ASN B 142 -2.94 -18.43 12.99
CA ASN B 142 -4.18 -17.68 12.72
C ASN B 142 -3.86 -16.23 12.40
N SER B 143 -4.19 -15.78 11.20
CA SER B 143 -4.05 -14.38 10.88
C SER B 143 -4.81 -13.47 11.91
N SER B 144 -6.00 -13.91 12.32
CA SER B 144 -6.88 -13.16 13.27
C SER B 144 -6.25 -13.04 14.67
N LYS B 145 -5.32 -13.93 14.99
CA LYS B 145 -4.61 -13.87 16.26
C LYS B 145 -3.54 -12.73 16.19
N SER B 146 -2.79 -12.69 15.08
CA SER B 146 -1.85 -11.59 14.83
C SER B 146 -2.56 -10.25 14.68
N ASN B 147 -3.76 -10.23 14.14
CA ASN B 147 -4.57 -8.99 14.02
C ASN B 147 -4.85 -8.37 15.41
N GLN B 148 -4.87 -9.20 16.46
CA GLN B 148 -5.07 -8.69 17.82
C GLN B 148 -3.94 -7.78 18.34
N TYR B 149 -2.77 -7.84 17.72
CA TYR B 149 -1.56 -7.11 18.12
C TYR B 149 -1.13 -5.96 17.20
N VAL B 150 -1.89 -5.74 16.13
CA VAL B 150 -1.58 -4.69 15.18
C VAL B 150 -1.56 -3.31 15.85
N TYR B 151 -2.45 -3.08 16.80
CA TYR B 151 -2.47 -1.81 17.52
C TYR B 151 -1.88 -1.92 18.93
N GLY B 152 -1.10 -2.97 19.20
CA GLY B 152 -0.46 -3.15 20.50
C GLY B 152 -0.98 -4.34 21.28
N ILE B 153 -0.39 -4.62 22.43
CA ILE B 153 -0.89 -5.70 23.29
C ILE B 153 -2.36 -5.48 23.66
N GLY B 154 -3.20 -6.50 23.51
CA GLY B 154 -4.62 -6.38 23.79
C GLY B 154 -5.39 -5.46 22.85
N GLY B 155 -4.80 -5.20 21.69
CA GLY B 155 -5.28 -4.20 20.75
C GLY B 155 -4.99 -2.76 21.14
N GLY B 156 -4.26 -2.54 22.25
CA GLY B 156 -4.02 -1.20 22.79
C GLY B 156 -5.30 -0.42 22.89
N THR B 157 -5.31 0.81 22.39
CA THR B 157 -6.55 1.62 22.33
C THR B 157 -7.14 1.69 20.92
N GLY B 158 -6.74 0.77 20.05
CA GLY B 158 -7.34 0.62 18.73
C GLY B 158 -6.75 1.59 17.72
N CYS B 159 -7.47 1.88 16.65
CA CYS B 159 -6.88 2.70 15.61
C CYS B 159 -6.52 4.09 16.15
N PRO B 160 -5.51 4.74 15.57
CA PRO B 160 -5.19 6.11 16.04
C PRO B 160 -6.29 7.13 15.87
N VAL B 161 -7.09 7.04 14.81
CA VAL B 161 -8.05 8.11 14.46
C VAL B 161 -9.31 8.00 15.26
N HIS B 162 -9.83 6.79 15.45
CA HIS B 162 -11.09 6.59 16.12
C HIS B 162 -10.96 6.00 17.53
N LYS B 163 -9.78 5.53 17.93
CA LYS B 163 -9.62 4.76 19.16
C LYS B 163 -10.59 3.58 19.19
N ASP B 164 -10.72 2.89 18.07
CA ASP B 164 -11.66 1.80 17.96
C ASP B 164 -10.89 0.54 17.58
N ARG B 165 -10.87 -0.43 18.49
CA ARG B 165 -10.19 -1.68 18.23
C ARG B 165 -10.93 -2.49 17.16
N SER B 166 -12.19 -2.14 16.96
CA SER B 166 -12.95 -2.79 15.91
C SER B 166 -13.20 -1.87 14.74
N CYS B 167 -12.28 -0.94 14.48
CA CYS B 167 -12.51 0.03 13.39
C CYS B 167 -12.54 -0.69 12.04
N TYR B 168 -13.58 -0.42 11.24
CA TYR B 168 -13.73 -0.94 9.89
C TYR B 168 -13.27 0.03 8.78
N ILE B 169 -12.75 1.18 9.17
CA ILE B 169 -12.38 2.23 8.22
C ILE B 169 -10.89 2.27 8.04
N CYS B 170 -10.18 2.31 9.14
CA CYS B 170 -8.74 2.47 9.09
C CYS B 170 -7.98 1.23 8.56
N HIS B 171 -6.91 1.53 7.84
CA HIS B 171 -6.10 0.52 7.17
C HIS B 171 -5.12 -0.09 8.15
N ARG B 172 -5.09 -1.42 8.21
CA ARG B 172 -4.17 -2.17 9.06
C ARG B 172 -3.12 -2.83 8.23
N GLN B 173 -2.01 -3.19 8.87
CA GLN B 173 -0.99 -3.95 8.19
C GLN B 173 -0.57 -5.15 9.05
N LEU B 174 -0.30 -6.30 8.42
CA LEU B 174 0.29 -7.50 9.07
C LEU B 174 1.44 -7.94 8.23
N LEU B 175 2.35 -8.72 8.82
CA LEU B 175 3.39 -9.37 8.07
C LEU B 175 3.11 -10.83 7.93
N PHE B 176 3.42 -11.37 6.77
CA PHE B 176 3.44 -12.82 6.59
C PHE B 176 4.92 -13.16 6.39
N CYS B 177 5.48 -13.90 7.32
CA CYS B 177 6.93 -14.01 7.47
C CYS B 177 7.42 -15.44 7.31
N ARG B 178 8.66 -15.55 6.88
CA ARG B 178 9.35 -16.82 6.81
C ARG B 178 10.09 -16.99 8.13
N VAL B 179 9.86 -18.13 8.80
CA VAL B 179 10.31 -18.35 10.17
C VAL B 179 11.01 -19.70 10.25
N THR B 180 12.23 -19.69 10.78
CA THR B 180 12.99 -20.91 10.94
C THR B 180 12.76 -21.41 12.36
N LEU B 181 12.13 -22.57 12.49
CA LEU B 181 11.80 -23.12 13.83
C LEU B 181 12.87 -24.06 14.36
N GLY B 182 13.58 -24.71 13.46
CA GLY B 182 14.48 -25.79 13.84
C GLY B 182 13.83 -26.83 14.73
N LYS B 183 14.60 -27.28 15.71
CA LYS B 183 14.07 -28.12 16.77
C LYS B 183 13.14 -27.31 17.67
N SER B 184 11.84 -27.50 17.53
CA SER B 184 10.87 -26.70 18.27
C SER B 184 10.35 -27.43 19.51
N PHE B 185 10.38 -26.76 20.65
CA PHE B 185 9.89 -27.37 21.89
C PHE B 185 8.38 -27.26 21.90
N LEU B 186 7.70 -28.41 22.00
CA LEU B 186 6.24 -28.44 22.02
C LEU B 186 5.66 -28.15 23.42
N GLN B 187 4.88 -27.09 23.51
CA GLN B 187 4.30 -26.66 24.76
C GLN B 187 2.80 -26.58 24.55
N PHE B 188 2.05 -27.46 25.23
CA PHE B 188 0.60 -27.38 25.17
C PHE B 188 0.20 -26.25 26.10
N SER B 189 -0.85 -25.55 25.73
CA SER B 189 -1.30 -24.40 26.46
C SER B 189 -2.77 -24.54 26.66
N ALA B 190 -3.25 -24.00 27.76
CA ALA B 190 -4.64 -24.11 28.18
C ALA B 190 -5.65 -23.24 27.38
N MET B 191 -5.21 -22.56 26.31
CA MET B 191 -6.09 -21.69 25.52
C MET B 191 -7.00 -22.50 24.58
N LYS B 192 -8.05 -22.02 24.10
N MET B 193 15.39 -10.44 25.72
CA MET B 193 15.23 -11.71 24.97
C MET B 193 15.75 -12.94 25.74
N ALA B 194 14.84 -13.88 26.03
CA ALA B 194 15.18 -15.12 26.71
C ALA B 194 15.85 -16.09 25.73
N HIS B 195 16.43 -17.16 26.27
CA HIS B 195 17.02 -18.20 25.41
C HIS B 195 15.99 -19.26 25.10
N SER B 196 16.22 -19.96 24.00
CA SER B 196 15.39 -21.10 23.66
C SER B 196 15.59 -22.14 24.74
N PRO B 197 14.59 -23.01 24.92
CA PRO B 197 14.80 -24.20 25.74
C PRO B 197 16.06 -24.93 25.29
N PRO B 198 16.85 -25.46 26.24
CA PRO B 198 18.07 -26.24 25.93
C PRO B 198 17.93 -27.26 24.78
N GLY B 199 18.81 -27.16 23.79
CA GLY B 199 18.79 -28.02 22.64
C GLY B 199 17.63 -27.72 21.69
N HIS B 200 16.94 -26.59 21.89
CA HIS B 200 15.81 -26.22 21.01
C HIS B 200 16.00 -24.84 20.42
N HIS B 201 15.41 -24.59 19.25
CA HIS B 201 15.56 -23.33 18.54
C HIS B 201 14.30 -22.43 18.57
N SER B 202 13.21 -22.94 19.15
CA SER B 202 11.94 -22.24 19.19
C SER B 202 10.99 -22.97 20.10
N VAL B 203 9.84 -22.36 20.35
CA VAL B 203 8.77 -23.02 21.07
C VAL B 203 7.54 -22.99 20.19
N THR B 204 6.82 -24.11 20.19
CA THR B 204 5.50 -24.23 19.60
C THR B 204 4.50 -24.27 20.73
N GLY B 205 3.67 -23.23 20.79
CA GLY B 205 2.54 -23.13 21.71
C GLY B 205 1.30 -23.68 21.03
N ARG B 206 0.79 -24.79 21.52
CA ARG B 206 -0.36 -25.45 20.87
C ARG B 206 -1.57 -25.44 21.78
N PRO B 207 -2.64 -24.74 21.39
CA PRO B 207 -3.81 -24.71 22.26
C PRO B 207 -4.44 -26.09 22.43
N SER B 208 -4.74 -26.48 23.66
CA SER B 208 -5.28 -27.82 23.94
C SER B 208 -6.79 -27.83 24.29
N VAL B 209 -7.40 -26.67 24.46
CA VAL B 209 -8.83 -26.58 24.81
C VAL B 209 -9.68 -26.19 23.59
N ASN B 210 -9.37 -25.05 22.99
CA ASN B 210 -10.05 -24.67 21.78
C ASN B 210 -9.48 -25.45 20.59
N GLY B 211 -10.23 -26.47 20.16
CA GLY B 211 -9.76 -27.34 19.09
C GLY B 211 -9.62 -26.64 17.75
N LEU B 212 -10.27 -25.48 17.59
CA LEU B 212 -10.18 -24.71 16.36
C LEU B 212 -9.06 -23.65 16.37
N ALA B 213 -8.34 -23.52 17.46
CA ALA B 213 -7.28 -22.53 17.56
C ALA B 213 -5.97 -23.12 17.07
N LEU B 214 -5.28 -22.41 16.19
CA LEU B 214 -4.05 -22.95 15.64
C LEU B 214 -2.86 -22.56 16.53
N ALA B 215 -1.69 -23.01 16.14
CA ALA B 215 -0.51 -22.83 16.98
C ALA B 215 0.09 -21.42 16.89
N GLU B 216 0.88 -21.12 17.91
CA GLU B 216 1.64 -19.88 18.01
C GLU B 216 3.06 -20.37 18.19
N TYR B 217 4.03 -19.62 17.68
CA TYR B 217 5.43 -20.02 17.71
C TYR B 217 6.26 -18.85 18.23
N VAL B 218 7.34 -19.19 18.91
CA VAL B 218 8.24 -18.21 19.51
C VAL B 218 9.64 -18.54 19.12
N ILE B 219 10.36 -17.52 18.69
CA ILE B 219 11.78 -17.61 18.43
C ILE B 219 12.52 -16.62 19.31
N TYR B 220 13.80 -16.89 19.52
CA TYR B 220 14.58 -16.12 20.47
C TYR B 220 15.75 -15.40 19.82
N ARG B 221 15.77 -15.39 18.49
CA ARG B 221 16.78 -14.71 17.69
C ARG B 221 16.05 -14.01 16.55
N GLY B 222 16.29 -12.71 16.38
CA GLY B 222 15.67 -11.93 15.30
C GLY B 222 16.03 -12.39 13.91
N GLU B 223 17.21 -13.00 13.78
CA GLU B 223 17.65 -13.50 12.50
C GLU B 223 16.93 -14.77 12.03
N GLN B 224 16.15 -15.43 12.88
CA GLN B 224 15.37 -16.63 12.48
C GLN B 224 14.05 -16.31 11.83
N ALA B 225 13.81 -15.04 11.50
CA ALA B 225 12.60 -14.64 10.78
C ALA B 225 12.90 -13.55 9.71
N TYR B 226 12.21 -13.61 8.58
CA TYR B 226 12.32 -12.63 7.53
C TYR B 226 10.89 -12.16 7.20
N PRO B 227 10.66 -10.84 7.19
CA PRO B 227 9.34 -10.30 6.90
C PRO B 227 9.06 -10.29 5.41
N GLU B 228 8.53 -11.37 4.89
CA GLU B 228 8.49 -11.52 3.45
C GLU B 228 7.38 -10.77 2.75
N TYR B 229 6.17 -10.78 3.29
CA TYR B 229 5.03 -10.06 2.70
C TYR B 229 4.45 -9.06 3.70
N LEU B 230 4.08 -7.88 3.18
CA LEU B 230 3.45 -6.84 3.96
C LEU B 230 2.04 -6.70 3.41
N ILE B 231 1.04 -6.93 4.26
CA ILE B 231 -0.34 -7.01 3.83
C ILE B 231 -1.09 -5.82 4.43
N THR B 232 -1.76 -5.04 3.59
CA THR B 232 -2.61 -3.92 4.02
C THR B 232 -4.08 -4.26 3.82
N TYR B 233 -4.89 -4.06 4.86
CA TYR B 233 -6.26 -4.55 4.87
C TYR B 233 -7.17 -3.80 5.84
N GLN B 234 -8.46 -4.04 5.68
CA GLN B 234 -9.43 -3.64 6.65
C GLN B 234 -10.09 -4.91 7.13
N ILE B 235 -10.51 -4.90 8.38
CA ILE B 235 -11.47 -5.95 8.82
C ILE B 235 -12.86 -5.55 8.31
N MET B 236 -13.70 -6.53 8.00
CA MET B 236 -15.04 -6.26 7.45
C MET B 236 -16.13 -6.54 8.46
N ARG B 237 -17.07 -5.58 8.56
CA ARG B 237 -18.21 -5.70 9.46
C ARG B 237 -19.09 -6.84 9.00
N PRO B 238 -19.44 -7.79 9.88
CA PRO B 238 -20.31 -8.88 9.40
C PRO B 238 -21.71 -8.35 9.04
N GLU B 239 -22.45 -9.06 8.21
CA GLU B 239 -23.81 -8.62 7.87
C GLU B 239 -24.85 -9.23 8.78
#